data_4NWK
#
_entry.id   4NWK
#
_cell.length_a   43.197
_cell.length_b   103.852
_cell.length_c   45.298
_cell.angle_alpha   90.000
_cell.angle_beta   90.000
_cell.angle_gamma   90.000
#
_symmetry.space_group_name_H-M   'P 21 21 2'
#
loop_
_entity.id
_entity.type
_entity.pdbx_description
1 polymer 'HCV NS3 1a Protease'
2 non-polymer N-(tert-butoxycarbonyl)-3-methyl-L-valyl-(4R)-N-{(1R,2S)-1-[(cyclopropylsulfonyl)carbamoyl]-2-ethenylcyclopropyl}-4-[(6-methoxyisoquinolin-1-yl)oxy]-L-prolinamide
3 non-polymer 'ZINC ION'
4 non-polymer 'SULFATE ION'
5 non-polymer GLYCEROL
6 water water
#
_entity_poly.entity_id   1
_entity_poly.type   'polypeptide(L)'
_entity_poly.pdbx_seq_one_letter_code
;MKKKGSVVIVGRINLSGDTAYAQQTRGEEGCQETSQTGRDKNQVEGEVQIVSTATQTFLATSINGVLWTVYHGAGTRTIA
SPKGPVTQMYTNVDKDLVGWQAPQGSRSLTPCTCGSSDLYLVTRHADVIPVRRRGDSRGSLLSPRPISYLKGSSGGPLLC
PAGHAVGIFRAAVCTRGVAKAVDFIPVESLETTMRSPAIRAPSTSLRPHSSTTTTTTEI
;
_entity_poly.pdbx_strand_id   A
#
# COMPACT_ATOMS: atom_id res chain seq x y z
N GLY A 5 -4.95 -5.94 18.34
CA GLY A 5 -4.56 -7.02 17.38
C GLY A 5 -3.55 -6.58 16.33
N SER A 6 -3.04 -7.54 15.57
CA SER A 6 -2.06 -7.29 14.53
C SER A 6 -2.72 -6.92 13.21
N VAL A 7 -1.96 -6.22 12.37
CA VAL A 7 -2.27 -6.12 10.95
C VAL A 7 -2.01 -7.47 10.29
N VAL A 8 -2.92 -7.88 9.41
CA VAL A 8 -2.83 -9.18 8.75
C VAL A 8 -2.85 -9.00 7.23
N ILE A 9 -1.97 -9.71 6.53
CA ILE A 9 -2.07 -9.81 5.08
C ILE A 9 -3.26 -10.67 4.71
N VAL A 10 -4.18 -10.13 3.91
CA VAL A 10 -5.38 -10.86 3.53
C VAL A 10 -5.50 -11.04 2.02
N GLY A 11 -4.50 -10.58 1.28
CA GLY A 11 -4.52 -10.70 -0.16
C GLY A 11 -3.34 -9.98 -0.76
N ARG A 12 -3.31 -9.88 -2.09
CA ARG A 12 -2.28 -9.10 -2.76
C ARG A 12 -2.79 -8.55 -4.07
N ILE A 13 -2.07 -7.55 -4.58
CA ILE A 13 -2.32 -7.07 -5.94
C ILE A 13 -1.17 -7.56 -6.80
N ASN A 14 -1.46 -8.42 -7.76
CA ASN A 14 -0.42 -8.99 -8.63
C ASN A 14 -0.14 -8.05 -9.78
N LEU A 15 1.13 -7.71 -9.96
CA LEU A 15 1.56 -6.73 -10.94
C LEU A 15 2.52 -7.34 -11.95
N SER A 16 2.55 -8.66 -12.01
CA SER A 16 3.54 -9.38 -12.81
C SER A 16 3.22 -9.40 -14.30
N GLY A 17 1.93 -9.37 -14.63
CA GLY A 17 1.52 -9.34 -16.03
C GLY A 17 1.17 -7.95 -16.49
N ASP A 18 0.75 -7.82 -17.74
CA ASP A 18 0.39 -6.52 -18.28
C ASP A 18 -0.93 -6.05 -17.68
N THR A 19 -1.64 -6.94 -17.01
CA THR A 19 -2.89 -6.58 -16.36
C THR A 19 -2.87 -6.94 -14.88
N ALA A 20 -3.04 -5.94 -14.02
CA ALA A 20 -3.03 -6.16 -12.59
C ALA A 20 -4.27 -6.94 -12.17
N TYR A 21 -4.16 -7.73 -11.10
CA TYR A 21 -5.34 -8.34 -10.52
C TYR A 21 -5.18 -8.57 -9.03
N ALA A 22 -6.31 -8.55 -8.32
CA ALA A 22 -6.32 -8.80 -6.88
C ALA A 22 -6.49 -10.28 -6.60
N GLN A 23 -5.81 -10.76 -5.57
CA GLN A 23 -6.00 -12.13 -5.09
C GLN A 23 -6.31 -12.07 -3.60
N GLN A 24 -7.42 -12.69 -3.19
CA GLN A 24 -7.71 -12.81 -1.76
C GLN A 24 -7.10 -14.09 -1.19
N THR A 25 -6.42 -13.97 -0.04
CA THR A 25 -5.77 -15.12 0.58
C THR A 25 -6.40 -15.48 1.93
N ARG A 26 -7.16 -14.56 2.49
CA ARG A 26 -7.87 -14.83 3.74
C ARG A 26 -9.25 -14.20 3.73
N GLY A 27 -10.19 -14.88 4.40
CA GLY A 27 -11.51 -14.31 4.59
C GLY A 27 -11.64 -13.53 5.89
N GLU A 28 -12.86 -13.12 6.19
CA GLU A 28 -13.12 -12.26 7.36
C GLU A 28 -12.73 -12.92 8.68
N GLU A 29 -13.19 -14.15 8.89
CA GLU A 29 -12.92 -14.84 10.14
C GLU A 29 -11.44 -15.15 10.29
N GLY A 30 -10.82 -15.64 9.21
CA GLY A 30 -9.40 -15.90 9.24
C GLY A 30 -8.60 -14.65 9.56
N CYS A 31 -9.01 -13.53 9.00
CA CYS A 31 -8.36 -12.26 9.29
C CYS A 31 -8.43 -11.95 10.79
N GLN A 32 -9.61 -12.09 11.36
CA GLN A 32 -9.81 -11.75 12.76
C GLN A 32 -9.05 -12.68 13.70
N GLU A 33 -9.05 -13.97 13.38
CA GLU A 33 -8.31 -14.94 14.19
C GLU A 33 -6.81 -14.66 14.15
N THR A 34 -6.30 -14.40 12.95
CA THR A 34 -4.88 -14.18 12.75
C THR A 34 -4.44 -12.86 13.39
N SER A 35 -5.33 -11.86 13.37
CA SER A 35 -5.03 -10.60 14.03
C SER A 35 -4.84 -10.77 15.54
N GLN A 36 -5.64 -11.66 16.13
CA GLN A 36 -5.61 -11.85 17.58
C GLN A 36 -4.35 -12.58 18.03
N THR A 37 -3.91 -13.56 17.26
CA THR A 37 -2.74 -14.34 17.67
C THR A 37 -1.46 -13.73 17.13
N GLY A 38 -1.55 -13.01 16.02
CA GLY A 38 -0.37 -12.46 15.39
C GLY A 38 0.48 -13.51 14.70
N ARG A 39 -0.05 -14.72 14.56
CA ARG A 39 0.69 -15.81 13.93
C ARG A 39 0.19 -16.10 12.52
N ASP A 40 1.02 -15.78 11.53
CA ASP A 40 0.65 -15.94 10.12
C ASP A 40 1.71 -16.72 9.35
N LYS A 41 1.34 -17.91 8.90
CA LYS A 41 2.28 -18.81 8.24
C LYS A 41 2.07 -18.86 6.72
N ASN A 42 1.08 -18.13 6.23
CA ASN A 42 0.79 -18.11 4.80
C ASN A 42 1.99 -17.63 4.00
N GLN A 43 2.22 -18.26 2.85
CA GLN A 43 3.24 -17.84 1.91
C GLN A 43 2.97 -16.40 1.47
N VAL A 44 4.01 -15.58 1.49
CA VAL A 44 3.93 -14.22 0.97
C VAL A 44 4.58 -14.17 -0.41
N GLU A 45 4.01 -13.35 -1.29
CA GLU A 45 4.68 -13.06 -2.56
C GLU A 45 4.26 -11.70 -3.09
N GLY A 46 5.08 -11.15 -3.99
CA GLY A 46 4.71 -9.93 -4.66
C GLY A 46 5.08 -8.68 -3.88
N GLU A 47 4.72 -7.53 -4.44
CA GLU A 47 5.14 -6.23 -3.90
C GLU A 47 4.03 -5.54 -3.12
N VAL A 48 2.80 -5.64 -3.62
CA VAL A 48 1.68 -4.99 -2.96
C VAL A 48 0.81 -6.00 -2.23
N GLN A 49 0.65 -5.79 -0.92
CA GLN A 49 -0.19 -6.64 -0.11
C GLN A 49 -1.49 -5.93 0.22
N ILE A 50 -2.58 -6.69 0.28
CA ILE A 50 -3.82 -6.19 0.86
C ILE A 50 -3.77 -6.56 2.33
N VAL A 51 -3.93 -5.57 3.21
CA VAL A 51 -3.83 -5.83 4.63
C VAL A 51 -5.10 -5.38 5.33
N SER A 52 -5.30 -5.89 6.54
CA SER A 52 -6.51 -5.59 7.28
C SER A 52 -6.31 -5.72 8.78
N THR A 53 -7.04 -4.92 9.52
CA THR A 53 -7.21 -5.15 10.95
C THR A 53 -8.64 -5.65 11.13
N ALA A 54 -9.11 -5.71 12.36
CA ALA A 54 -10.50 -6.13 12.59
C ALA A 54 -11.49 -5.16 11.95
N THR A 55 -11.09 -3.90 11.80
CA THR A 55 -12.04 -2.86 11.44
C THR A 55 -11.66 -2.03 10.22
N GLN A 56 -10.42 -2.16 9.75
CA GLN A 56 -9.98 -1.40 8.59
C GLN A 56 -9.22 -2.27 7.58
N THR A 57 -9.43 -2.02 6.30
CA THR A 57 -8.64 -2.68 5.27
C THR A 57 -8.01 -1.66 4.32
N PHE A 58 -6.76 -1.91 3.94
CA PHE A 58 -6.02 -0.99 3.11
C PHE A 58 -4.87 -1.75 2.45
N LEU A 59 -3.85 -1.04 1.98
CA LEU A 59 -2.77 -1.67 1.24
C LEU A 59 -1.42 -1.47 1.92
N ALA A 60 -0.48 -2.36 1.62
CA ALA A 60 0.91 -2.20 2.05
C ALA A 60 1.84 -2.52 0.88
N THR A 61 2.95 -1.80 0.79
CA THR A 61 3.86 -1.94 -0.35
C THR A 61 5.31 -2.09 0.08
N SER A 62 5.98 -3.13 -0.40
CA SER A 62 7.39 -3.34 -0.08
C SER A 62 8.30 -2.51 -0.99
N ILE A 63 9.09 -1.65 -0.38
CA ILE A 63 10.10 -0.86 -1.08
C ILE A 63 11.32 -0.79 -0.18
N ASN A 64 12.50 -1.03 -0.75
CA ASN A 64 13.73 -0.98 0.04
C ASN A 64 13.76 -2.02 1.15
N GLY A 65 13.14 -3.17 0.91
CA GLY A 65 13.17 -4.25 1.88
C GLY A 65 12.28 -4.02 3.09
N VAL A 66 11.41 -3.01 2.99
CA VAL A 66 10.50 -2.66 4.07
C VAL A 66 9.07 -2.71 3.56
N LEU A 67 8.17 -3.28 4.34
CA LEU A 67 6.75 -3.26 4.00
C LEU A 67 6.15 -2.01 4.60
N TRP A 68 5.80 -1.05 3.74
CA TRP A 68 5.31 0.25 4.16
C TRP A 68 3.80 0.32 4.07
N THR A 69 3.19 1.07 4.98
CA THR A 69 1.77 1.41 4.85
C THR A 69 1.49 2.71 5.59
N VAL A 70 0.22 3.10 5.68
CA VAL A 70 -0.12 4.35 6.33
C VAL A 70 -0.45 4.17 7.80
N TYR A 71 -0.09 5.15 8.62
CA TYR A 71 -0.38 5.09 10.04
C TYR A 71 -1.88 5.14 10.28
N HIS A 72 -2.63 5.88 9.46
CA HIS A 72 -4.06 6.01 9.69
C HIS A 72 -4.79 4.72 9.35
N GLY A 73 -4.03 3.76 8.81
CA GLY A 73 -4.55 2.42 8.65
C GLY A 73 -4.08 1.48 9.75
N ALA A 74 -2.77 1.44 9.96
CA ALA A 74 -2.16 0.42 10.81
C ALA A 74 -2.01 0.85 12.27
N GLY A 75 -2.16 2.14 12.55
CA GLY A 75 -1.79 2.64 13.86
C GLY A 75 -0.35 2.29 14.17
N THR A 76 -0.08 1.89 15.42
CA THR A 76 1.24 1.41 15.80
C THR A 76 1.25 -0.10 15.96
N ARG A 77 0.32 -0.78 15.28
CA ARG A 77 0.16 -2.21 15.46
C ARG A 77 1.31 -3.06 14.94
N THR A 78 1.48 -4.23 15.55
CA THR A 78 2.36 -5.25 15.02
C THR A 78 1.76 -5.85 13.75
N ILE A 79 2.59 -6.53 12.96
CA ILE A 79 2.08 -7.31 11.85
C ILE A 79 2.23 -8.79 12.17
N ALA A 80 1.25 -9.58 11.79
CA ALA A 80 1.31 -11.02 12.02
C ALA A 80 2.36 -11.62 11.10
N SER A 81 3.15 -12.55 11.63
CA SER A 81 4.24 -13.17 10.87
C SER A 81 4.41 -14.62 11.29
N PRO A 82 5.27 -15.36 10.57
CA PRO A 82 5.50 -16.78 10.88
C PRO A 82 6.01 -16.99 12.31
N LYS A 83 6.54 -15.94 12.91
CA LYS A 83 7.13 -16.04 14.25
C LYS A 83 6.33 -15.29 15.31
N GLY A 84 5.09 -14.94 14.98
CA GLY A 84 4.28 -14.17 15.90
C GLY A 84 4.28 -12.70 15.56
N PRO A 85 3.64 -11.85 16.37
CA PRO A 85 3.53 -10.42 16.06
C PRO A 85 4.88 -9.71 16.05
N VAL A 86 5.09 -8.87 15.04
CA VAL A 86 6.35 -8.16 14.86
C VAL A 86 6.13 -6.65 14.94
N THR A 87 6.93 -5.99 15.76
CA THR A 87 6.76 -4.57 16.00
C THR A 87 7.22 -3.77 14.79
N GLN A 88 6.66 -2.57 14.65
CA GLN A 88 7.05 -1.70 13.54
C GLN A 88 8.51 -1.30 13.66
N MET A 89 9.19 -1.25 12.51
CA MET A 89 10.58 -0.86 12.49
C MET A 89 10.68 0.64 12.20
N TYR A 90 9.61 1.18 11.63
CA TYR A 90 9.54 2.61 11.32
C TYR A 90 8.17 3.14 11.69
N THR A 91 8.14 4.28 12.37
CA THR A 91 6.88 4.91 12.71
C THR A 91 7.05 6.42 12.66
N ASN A 92 6.37 7.05 11.71
CA ASN A 92 6.30 8.51 11.65
C ASN A 92 4.85 8.89 11.47
N VAL A 93 4.18 9.18 12.58
CA VAL A 93 2.74 9.36 12.54
C VAL A 93 2.36 10.64 11.81
N ASP A 94 3.24 11.63 11.83
CA ASP A 94 2.94 12.90 11.20
C ASP A 94 3.00 12.80 9.68
N LYS A 95 3.95 12.01 9.18
CA LYS A 95 4.04 11.73 7.75
C LYS A 95 2.98 10.72 7.33
N ASP A 96 2.34 10.11 8.33
CA ASP A 96 1.34 9.06 8.13
C ASP A 96 1.99 7.79 7.59
N LEU A 97 3.23 7.53 8.00
CA LEU A 97 4.00 6.41 7.45
C LEU A 97 4.43 5.43 8.54
N VAL A 98 4.22 4.14 8.31
CA VAL A 98 4.83 3.13 9.14
C VAL A 98 5.45 2.04 8.28
N GLY A 99 6.32 1.23 8.87
CA GLY A 99 6.93 0.15 8.12
C GLY A 99 7.38 -1.02 8.98
N TRP A 100 7.31 -2.22 8.44
CA TRP A 100 7.91 -3.39 9.08
C TRP A 100 8.97 -3.96 8.13
N GLN A 101 9.93 -4.71 8.66
CA GLN A 101 10.83 -5.45 7.80
C GLN A 101 9.98 -6.30 6.86
N ALA A 102 10.30 -6.28 5.56
CA ALA A 102 9.46 -6.98 4.61
C ALA A 102 9.46 -8.48 4.89
N PRO A 103 8.28 -9.12 4.79
CA PRO A 103 8.14 -10.56 5.01
C PRO A 103 8.97 -11.37 4.04
N GLN A 104 9.50 -12.50 4.50
CA GLN A 104 10.23 -13.39 3.59
C GLN A 104 9.25 -13.82 2.51
N GLY A 105 9.70 -13.74 1.26
CA GLY A 105 8.84 -14.11 0.15
C GLY A 105 8.37 -12.91 -0.65
N SER A 106 8.42 -11.73 -0.03
CA SER A 106 8.02 -10.50 -0.71
C SER A 106 9.10 -10.03 -1.66
N ARG A 107 8.70 -9.20 -2.62
CA ARG A 107 9.65 -8.53 -3.49
C ARG A 107 9.37 -7.03 -3.37
N SER A 108 10.43 -6.23 -3.42
CA SER A 108 10.29 -4.78 -3.32
C SER A 108 10.25 -4.15 -4.71
N LEU A 109 9.39 -3.14 -4.87
CA LEU A 109 9.46 -2.32 -6.07
C LEU A 109 10.73 -1.48 -6.02
N THR A 110 11.36 -1.29 -7.18
CA THR A 110 12.55 -0.43 -7.25
C THR A 110 12.13 1.04 -7.31
N PRO A 111 12.76 1.90 -6.49
CA PRO A 111 12.47 3.33 -6.53
C PRO A 111 12.74 3.91 -7.92
N CYS A 112 11.82 4.76 -8.38
CA CYS A 112 11.89 5.30 -9.73
C CYS A 112 13.04 6.27 -9.93
N THR A 113 13.81 6.05 -11.01
CA THR A 113 14.90 6.94 -11.40
C THR A 113 14.61 7.61 -12.73
N CYS A 114 13.35 7.55 -13.16
CA CYS A 114 12.94 8.07 -14.46
C CYS A 114 12.67 9.57 -14.44
N GLY A 115 12.24 10.08 -13.28
CA GLY A 115 11.80 11.47 -13.22
C GLY A 115 10.56 11.68 -14.08
N SER A 116 9.93 10.58 -14.47
CA SER A 116 8.72 10.62 -15.30
C SER A 116 7.57 11.27 -14.52
N SER A 117 6.74 12.03 -15.22
CA SER A 117 5.58 12.63 -14.59
C SER A 117 4.30 11.88 -14.93
N ASP A 118 4.43 10.81 -15.70
CA ASP A 118 3.30 9.96 -16.03
C ASP A 118 3.22 8.81 -15.03
N LEU A 119 2.31 8.92 -14.07
CA LEU A 119 2.25 7.97 -12.97
C LEU A 119 1.01 7.08 -13.09
N TYR A 120 1.00 6.01 -12.30
CA TYR A 120 -0.12 5.09 -12.28
C TYR A 120 -0.38 4.65 -10.84
N LEU A 121 -1.60 4.92 -10.38
CA LEU A 121 -2.00 4.55 -9.03
C LEU A 121 -2.59 3.14 -9.06
N VAL A 122 -2.07 2.28 -8.19
CA VAL A 122 -2.59 0.92 -8.07
C VAL A 122 -3.53 0.86 -6.87
N THR A 123 -4.78 0.48 -7.12
CA THR A 123 -5.78 0.44 -6.07
C THR A 123 -6.01 -0.99 -5.59
N ARG A 124 -6.72 -1.13 -4.48
CA ARG A 124 -6.98 -2.44 -3.90
C ARG A 124 -7.86 -3.28 -4.83
N HIS A 125 -8.56 -2.61 -5.75
CA HIS A 125 -9.42 -3.29 -6.71
C HIS A 125 -8.65 -3.69 -7.97
N ALA A 126 -7.36 -3.38 -7.99
CA ALA A 126 -6.49 -3.68 -9.13
C ALA A 126 -6.77 -2.76 -10.33
N ASP A 127 -7.47 -1.66 -10.09
CA ASP A 127 -7.61 -0.61 -11.09
C ASP A 127 -6.30 0.19 -11.07
N VAL A 128 -5.63 0.29 -12.22
CA VAL A 128 -4.40 1.07 -12.32
C VAL A 128 -4.72 2.39 -13.03
N ILE A 129 -4.78 3.46 -12.23
CA ILE A 129 -5.36 4.72 -12.69
C ILE A 129 -4.28 5.70 -13.12
N PRO A 130 -4.42 6.26 -14.34
CA PRO A 130 -3.44 7.23 -14.83
C PRO A 130 -3.45 8.52 -13.99
N VAL A 131 -2.25 8.99 -13.65
CA VAL A 131 -2.07 10.14 -12.79
C VAL A 131 -0.94 11.01 -13.34
N ARG A 132 -1.18 12.33 -13.43
CA ARG A 132 -0.14 13.24 -13.87
C ARG A 132 0.51 13.87 -12.65
N ARG A 133 1.80 13.64 -12.46
CA ARG A 133 2.49 14.21 -11.31
C ARG A 133 2.56 15.73 -11.45
N ARG A 134 2.29 16.42 -10.34
CA ARG A 134 2.28 17.88 -10.30
C ARG A 134 3.39 18.43 -9.41
N GLY A 135 3.65 17.73 -8.31
CA GLY A 135 4.71 18.13 -7.39
C GLY A 135 5.35 16.92 -6.75
N ASP A 136 6.15 17.14 -5.72
CA ASP A 136 6.86 16.03 -5.07
C ASP A 136 5.88 15.00 -4.47
N SER A 137 4.73 15.47 -4.03
CA SER A 137 3.81 14.62 -3.27
C SER A 137 2.38 14.69 -3.79
N ARG A 138 2.20 15.15 -5.02
CA ARG A 138 0.87 15.32 -5.57
C ARG A 138 0.80 15.02 -7.06
N GLY A 139 -0.31 14.41 -7.47
CA GLY A 139 -0.58 14.20 -8.88
C GLY A 139 -2.07 14.24 -9.14
N SER A 140 -2.45 14.61 -10.37
CA SER A 140 -3.87 14.71 -10.74
C SER A 140 -4.39 13.40 -11.33
N LEU A 141 -5.60 13.02 -10.95
CA LEU A 141 -6.28 11.90 -11.59
C LEU A 141 -6.62 12.26 -13.03
N LEU A 142 -6.33 11.36 -13.96
CA LEU A 142 -6.63 11.61 -15.37
C LEU A 142 -7.87 10.84 -15.82
N SER A 143 -8.49 10.14 -14.88
CA SER A 143 -9.79 9.50 -15.09
C SER A 143 -10.61 9.72 -13.83
N PRO A 144 -11.87 10.17 -13.98
CA PRO A 144 -12.65 10.49 -12.78
C PRO A 144 -13.00 9.29 -11.88
N ARG A 145 -12.88 9.50 -10.57
CA ARG A 145 -13.25 8.50 -9.57
C ARG A 145 -13.87 9.18 -8.37
N PRO A 146 -14.87 8.55 -7.74
CA PRO A 146 -15.39 8.99 -6.44
C PRO A 146 -14.41 8.67 -5.33
N ILE A 147 -14.43 9.47 -4.27
CA ILE A 147 -13.67 9.18 -3.08
C ILE A 147 -13.93 7.73 -2.63
N SER A 148 -15.19 7.31 -2.68
CA SER A 148 -15.59 6.00 -2.18
C SER A 148 -14.90 4.82 -2.91
N TYR A 149 -14.58 5.00 -4.19
CA TYR A 149 -13.90 3.93 -4.92
C TYR A 149 -12.43 3.82 -4.53
N LEU A 150 -11.82 4.94 -4.14
CA LEU A 150 -10.41 4.96 -3.76
C LEU A 150 -10.19 4.53 -2.31
N LYS A 151 -11.23 4.59 -1.49
CA LYS A 151 -11.11 4.22 -0.09
C LYS A 151 -10.63 2.77 0.01
N GLY A 152 -9.68 2.54 0.92
CA GLY A 152 -9.13 1.21 1.10
C GLY A 152 -7.87 1.02 0.27
N SER A 153 -7.47 2.06 -0.46
CA SER A 153 -6.30 1.96 -1.32
C SER A 153 -5.07 2.70 -0.78
N SER A 154 -5.21 3.41 0.32
CA SER A 154 -4.03 4.02 0.95
C SER A 154 -2.98 2.92 1.17
N GLY A 155 -1.71 3.28 1.04
CA GLY A 155 -0.66 2.30 1.18
C GLY A 155 -0.24 1.68 -0.15
N GLY A 156 -1.04 1.91 -1.19
CA GLY A 156 -0.73 1.38 -2.50
C GLY A 156 0.26 2.28 -3.21
N PRO A 157 1.02 1.74 -4.18
CA PRO A 157 2.06 2.47 -4.91
C PRO A 157 1.55 3.35 -6.06
N LEU A 158 2.22 4.48 -6.26
CA LEU A 158 2.21 5.18 -7.55
C LEU A 158 3.40 4.66 -8.36
N LEU A 159 3.12 4.13 -9.54
CA LEU A 159 4.18 3.60 -10.42
C LEU A 159 4.46 4.56 -11.56
N CYS A 160 5.69 4.51 -12.08
CA CYS A 160 6.01 5.22 -13.32
C CYS A 160 5.78 4.24 -14.48
N PRO A 161 5.95 4.71 -15.73
CA PRO A 161 5.69 3.85 -16.88
C PRO A 161 6.48 2.54 -16.84
N ALA A 162 7.65 2.58 -16.21
CA ALA A 162 8.54 1.43 -16.15
C ALA A 162 8.26 0.50 -14.97
N GLY A 163 7.27 0.84 -14.16
CA GLY A 163 6.87 -0.05 -13.08
C GLY A 163 7.69 0.17 -11.82
N HIS A 164 8.40 1.30 -11.77
CA HIS A 164 9.19 1.68 -10.61
C HIS A 164 8.28 2.39 -9.61
N ALA A 165 8.68 2.38 -8.33
CA ALA A 165 7.89 3.03 -7.29
C ALA A 165 8.21 4.51 -7.22
N VAL A 166 7.18 5.33 -7.34
CA VAL A 166 7.34 6.78 -7.24
C VAL A 166 6.90 7.26 -5.86
N GLY A 167 5.93 6.57 -5.28
CA GLY A 167 5.36 7.01 -4.03
C GLY A 167 4.34 6.07 -3.45
N ILE A 168 3.85 6.42 -2.26
CA ILE A 168 2.82 5.65 -1.56
C ILE A 168 1.58 6.51 -1.35
N PHE A 169 0.44 6.00 -1.81
CA PHE A 169 -0.83 6.74 -1.77
C PHE A 169 -1.23 7.01 -0.31
N ARG A 170 -1.36 8.29 0.03
CA ARG A 170 -1.64 8.68 1.41
C ARG A 170 -3.06 9.20 1.60
N ALA A 171 -3.46 10.15 0.75
CA ALA A 171 -4.76 10.80 0.89
C ALA A 171 -5.28 11.23 -0.47
N ALA A 172 -6.59 11.38 -0.59
CA ALA A 172 -7.17 11.88 -1.82
C ALA A 172 -7.45 13.37 -1.70
N VAL A 173 -7.25 14.09 -2.80
CA VAL A 173 -7.65 15.49 -2.87
C VAL A 173 -9.09 15.53 -3.33
N CYS A 174 -9.98 15.95 -2.42
CA CYS A 174 -11.42 15.96 -2.67
C CYS A 174 -11.83 17.38 -3.03
N THR A 175 -12.36 17.53 -4.23
CA THR A 175 -12.83 18.83 -4.70
C THR A 175 -14.27 18.64 -5.17
N ARG A 176 -15.18 19.42 -4.60
CA ARG A 176 -16.59 19.34 -4.95
C ARG A 176 -17.12 17.91 -4.83
N GLY A 177 -16.58 17.16 -3.88
CA GLY A 177 -17.19 15.91 -3.50
C GLY A 177 -16.70 14.70 -4.27
N VAL A 178 -15.68 14.89 -5.11
CA VAL A 178 -15.09 13.79 -5.88
C VAL A 178 -13.57 13.83 -5.77
N ALA A 179 -12.91 12.75 -6.19
CA ALA A 179 -11.45 12.71 -6.14
C ALA A 179 -10.89 13.44 -7.34
N LYS A 180 -10.07 14.47 -7.09
CA LYS A 180 -9.49 15.26 -8.17
C LYS A 180 -8.01 14.92 -8.34
N ALA A 181 -7.36 14.63 -7.22
CA ALA A 181 -5.92 14.41 -7.21
C ALA A 181 -5.57 13.46 -6.07
N VAL A 182 -4.29 13.07 -6.00
CA VAL A 182 -3.85 12.22 -4.91
C VAL A 182 -2.64 12.86 -4.24
N ASP A 183 -2.59 12.69 -2.91
CA ASP A 183 -1.44 13.12 -2.12
C ASP A 183 -0.69 11.83 -1.76
N PHE A 184 0.61 11.80 -2.01
CA PHE A 184 1.37 10.59 -1.75
C PHE A 184 2.71 10.87 -1.09
N ILE A 185 3.23 9.86 -0.40
CA ILE A 185 4.54 9.95 0.24
C ILE A 185 5.58 9.56 -0.80
N PRO A 186 6.50 10.49 -1.13
CA PRO A 186 7.52 10.23 -2.15
C PRO A 186 8.44 9.10 -1.72
N VAL A 187 8.90 8.30 -2.68
CA VAL A 187 9.78 7.17 -2.36
C VAL A 187 11.07 7.67 -1.74
N GLU A 188 11.45 8.91 -2.07
CA GLU A 188 12.68 9.47 -1.50
C GLU A 188 12.62 9.53 0.03
N SER A 189 11.41 9.53 0.57
CA SER A 189 11.22 9.62 2.02
C SER A 189 11.19 8.25 2.70
N LEU A 190 11.24 7.18 1.91
CA LEU A 190 11.23 5.84 2.47
C LEU A 190 12.64 5.36 2.77
N GLU A 191 13.39 6.18 3.51
CA GLU A 191 14.77 5.85 3.86
C GLU A 191 14.85 4.80 4.97
N THR A 192 15.77 3.86 4.81
CA THR A 192 16.01 2.82 5.81
C THR A 192 17.19 3.18 6.71
#